data_4FQ5
#
_entry.id   4FQ5
#
_cell.length_a   66.725
_cell.length_b   66.725
_cell.length_c   421.606
_cell.angle_alpha   90.000
_cell.angle_beta   90.000
_cell.angle_gamma   120.000
#
_symmetry.space_group_name_H-M   'P 61 2 2'
#
loop_
_entity.id
_entity.type
_entity.pdbx_description
1 polymer 'Maleate cis-trans isomerase'
2 non-polymer 'MALEIC ACID'
3 water water
#
_entity_poly.entity_id   1
_entity_poly.type   'polypeptide(L)'
_entity_poly.pdbx_seq_one_letter_code
;MGSSHHHHHHSSGLVPRGSHMVEAMKVVRVGQIVPSSNITMETEIPALLKARELVAPERFTFHSSRMRMKHVTKEELARM
DGDSDRCALELSDARVDVMGYACLVAIMSMGHGYHRVSAERLRNVTENNDAATPIITSAGALIDGIRALGAKRVAVVTPY
MKPLTELVVDYIRHEGIEVGDYRALEISDNLAVAAHDPMNLPGIIASMRTDDVDAIVISAAVQMPSLNAITMVEAQTRKP
VISAAVATTWAMLTALDLPTRVPGGGTLLSGAYLEHHHHHH
;
_entity_poly.pdbx_strand_id   B,A
#
loop_
_chem_comp.id
_chem_comp.type
_chem_comp.name
_chem_comp.formula
MAE non-polymer 'MALEIC ACID' 'C4 H4 O4'
#
# COMPACT_ATOMS: atom_id res chain seq x y z
N LYS A 26 10.16 14.47 8.43
CA LYS A 26 9.16 14.87 7.38
C LYS A 26 8.65 13.66 6.59
N VAL A 27 7.34 13.40 6.71
CA VAL A 27 6.70 12.22 6.11
C VAL A 27 5.85 12.60 4.89
N VAL A 28 6.03 11.87 3.80
CA VAL A 28 5.24 12.09 2.59
C VAL A 28 4.35 10.88 2.36
N ARG A 29 3.03 11.11 2.29
CA ARG A 29 2.07 10.03 2.02
C ARG A 29 1.87 9.89 0.53
N VAL A 30 2.29 8.76 -0.02
CA VAL A 30 2.18 8.48 -1.44
C VAL A 30 0.96 7.59 -1.68
N GLY A 31 0.07 8.02 -2.57
CA GLY A 31 -1.11 7.23 -2.92
C GLY A 31 -0.92 6.59 -4.27
N GLN A 32 -1.33 5.33 -4.40
CA GLN A 32 -1.19 4.62 -5.67
C GLN A 32 -2.50 3.97 -6.11
N ILE A 33 -2.98 4.34 -7.29
CA ILE A 33 -4.13 3.66 -7.91
C ILE A 33 -3.60 2.53 -8.78
N VAL A 34 -3.79 1.28 -8.34
CA VAL A 34 -3.16 0.14 -9.02
C VAL A 34 -4.20 -0.87 -9.51
N PRO A 35 -3.93 -1.52 -10.67
CA PRO A 35 -4.73 -2.68 -11.05
C PRO A 35 -4.71 -3.70 -9.92
N SER A 36 -5.83 -4.37 -9.70
CA SER A 36 -5.94 -5.29 -8.56
C SER A 36 -4.85 -6.40 -8.58
N SER A 37 -4.52 -6.89 -9.77
CA SER A 37 -3.54 -7.95 -9.94
C SER A 37 -2.10 -7.44 -10.01
N ASN A 38 -1.93 -6.11 -10.03
CA ASN A 38 -0.60 -5.52 -10.09
C ASN A 38 0.12 -5.65 -8.74
N ILE A 39 1.36 -6.13 -8.79
CA ILE A 39 2.20 -6.27 -7.59
C ILE A 39 3.49 -5.47 -7.72
N THR A 40 3.85 -5.11 -8.94
CA THR A 40 5.15 -4.51 -9.23
C THR A 40 5.22 -3.03 -8.88
N MET A 41 4.13 -2.29 -9.11
CA MET A 41 4.10 -0.88 -8.73
C MET A 41 4.33 -0.71 -7.23
N GLU A 42 3.66 -1.54 -6.45
CA GLU A 42 3.84 -1.56 -5.00
C GLU A 42 5.18 -2.14 -4.53
N THR A 43 5.98 -2.62 -5.48
CA THR A 43 7.32 -3.13 -5.18
C THR A 43 8.38 -2.11 -5.57
N GLU A 44 8.29 -1.60 -6.80
CA GLU A 44 9.35 -0.74 -7.34
C GLU A 44 9.30 0.70 -6.85
N ILE A 45 8.10 1.26 -6.69
CA ILE A 45 7.98 2.62 -6.16
C ILE A 45 8.48 2.69 -4.70
N PRO A 46 8.05 1.75 -3.85
CA PRO A 46 8.65 1.75 -2.51
C PRO A 46 10.16 1.43 -2.51
N ALA A 47 10.60 0.52 -3.37
CA ALA A 47 12.04 0.23 -3.46
C ALA A 47 12.83 1.51 -3.78
N LEU A 48 12.39 2.25 -4.82
CA LEU A 48 13.03 3.51 -5.22
C LEU A 48 13.09 4.54 -4.11
N LEU A 49 11.96 4.76 -3.44
CA LEU A 49 11.85 5.78 -2.41
C LEU A 49 12.59 5.38 -1.12
N LYS A 50 12.70 4.08 -0.87
CA LYS A 50 13.52 3.52 0.20
C LYS A 50 14.99 3.86 -0.04
N ALA A 51 15.43 3.67 -1.29
CA ALA A 51 16.77 4.08 -1.70
C ALA A 51 16.97 5.59 -1.54
N ARG A 52 15.94 6.38 -1.85
CA ARG A 52 16.02 7.83 -1.70
C ARG A 52 16.25 8.24 -0.24
N GLU A 53 15.67 7.48 0.69
CA GLU A 53 15.81 7.74 2.13
C GLU A 53 17.25 7.63 2.62
N LEU A 54 18.10 6.91 1.88
CA LEU A 54 19.53 6.84 2.18
C LEU A 54 20.24 8.14 1.87
N VAL A 55 19.60 8.96 1.05
CA VAL A 55 20.25 10.07 0.40
C VAL A 55 19.63 11.43 0.75
N ALA A 56 18.40 11.42 1.24
CA ALA A 56 17.65 12.64 1.53
C ALA A 56 16.77 12.42 2.77
N PRO A 57 16.40 13.50 3.48
CA PRO A 57 15.74 13.32 4.79
C PRO A 57 14.27 12.86 4.78
N GLU A 58 13.54 13.08 3.68
CA GLU A 58 12.13 12.71 3.61
C GLU A 58 11.87 11.23 3.82
N ARG A 59 10.79 10.91 4.52
CA ARG A 59 10.34 9.54 4.74
C ARG A 59 8.98 9.36 4.06
N PHE A 60 8.72 8.15 3.58
CA PHE A 60 7.55 7.90 2.75
C PHE A 60 6.66 6.81 3.33
N THR A 61 5.35 7.00 3.26
CA THR A 61 4.40 5.92 3.56
C THR A 61 3.55 5.68 2.31
N PHE A 62 3.11 4.44 2.13
CA PHE A 62 2.46 4.03 0.90
C PHE A 62 1.04 3.55 1.11
N HIS A 63 0.12 4.06 0.27
CA HIS A 63 -1.32 3.86 0.44
C HIS A 63 -1.94 3.58 -0.89
N SER A 64 -2.57 2.41 -1.02
CA SER A 64 -3.10 1.96 -2.30
C SER A 64 -4.62 1.85 -2.35
N SER A 65 -5.14 2.03 -3.56
CA SER A 65 -6.52 1.68 -3.88
C SER A 65 -6.48 0.86 -5.17
N ARG A 66 -7.36 -0.12 -5.27
CA ARG A 66 -7.36 -1.07 -6.37
C ARG A 66 -8.56 -0.93 -7.30
N MET A 67 -8.29 -1.09 -8.59
CA MET A 67 -9.29 -1.15 -9.64
C MET A 67 -9.10 -2.49 -10.36
N ARG A 68 -10.15 -3.31 -10.39
CA ARG A 68 -10.01 -4.70 -10.81
C ARG A 68 -9.61 -4.89 -12.27
N MET A 69 -8.55 -5.69 -12.45
CA MET A 69 -8.13 -6.19 -13.76
C MET A 69 -7.23 -7.41 -13.54
N LYS A 70 -7.49 -8.47 -14.30
CA LYS A 70 -6.71 -9.70 -14.25
C LYS A 70 -5.99 -9.96 -15.57
N HIS A 71 -6.57 -9.49 -16.68
CA HIS A 71 -6.00 -9.70 -18.01
C HIS A 71 -5.98 -8.41 -18.76
N VAL A 72 -4.84 -8.15 -19.41
CA VAL A 72 -4.60 -6.87 -20.07
C VAL A 72 -5.19 -6.92 -21.48
N THR A 73 -6.50 -6.68 -21.55
CA THR A 73 -7.24 -6.60 -22.81
C THR A 73 -7.96 -5.27 -22.83
N LYS A 74 -8.34 -4.80 -24.02
CA LYS A 74 -9.08 -3.54 -24.14
C LYS A 74 -10.31 -3.49 -23.24
N GLU A 75 -11.08 -4.58 -23.24
CA GLU A 75 -12.32 -4.67 -22.44
C GLU A 75 -12.03 -4.51 -20.94
N GLU A 76 -11.01 -5.22 -20.45
CA GLU A 76 -10.67 -5.15 -19.03
C GLU A 76 -10.09 -3.78 -18.66
N LEU A 77 -9.27 -3.22 -19.55
CA LEU A 77 -8.71 -1.88 -19.39
C LEU A 77 -9.79 -0.78 -19.29
N ALA A 78 -10.75 -0.82 -20.20
CA ALA A 78 -11.85 0.15 -20.22
C ALA A 78 -12.70 0.08 -18.95
N ARG A 79 -13.04 -1.14 -18.53
CA ARG A 79 -13.80 -1.36 -17.31
C ARG A 79 -13.02 -0.86 -16.09
N MET A 80 -11.74 -1.22 -16.02
CA MET A 80 -10.86 -0.82 -14.93
C MET A 80 -10.80 0.70 -14.76
N ASP A 81 -10.60 1.41 -15.87
CA ASP A 81 -10.53 2.86 -15.83
C ASP A 81 -11.80 3.50 -15.28
N GLY A 82 -12.94 2.86 -15.51
CA GLY A 82 -14.22 3.29 -14.96
C GLY A 82 -14.25 3.38 -13.44
N ASP A 83 -13.37 2.63 -12.76
CA ASP A 83 -13.28 2.67 -11.29
C ASP A 83 -12.35 3.76 -10.76
N SER A 84 -11.84 4.56 -11.70
CA SER A 84 -10.85 5.61 -11.47
C SER A 84 -11.27 6.61 -10.39
N ASP A 85 -12.48 7.18 -10.56
CA ASP A 85 -13.04 8.14 -9.62
C ASP A 85 -13.17 7.57 -8.20
N ARG A 86 -13.69 6.34 -8.09
CA ARG A 86 -13.81 5.66 -6.81
C ARG A 86 -12.45 5.57 -6.10
N CYS A 87 -11.43 5.17 -6.85
CA CYS A 87 -10.07 5.01 -6.30
C CYS A 87 -9.49 6.33 -5.79
N ALA A 88 -9.68 7.41 -6.55
CA ALA A 88 -9.23 8.75 -6.13
C ALA A 88 -9.98 9.26 -4.91
N LEU A 89 -11.27 8.96 -4.81
CA LEU A 89 -12.05 9.24 -3.60
C LEU A 89 -11.49 8.45 -2.42
N GLU A 90 -11.21 7.18 -2.63
CA GLU A 90 -10.65 6.33 -1.58
C GLU A 90 -9.32 6.87 -1.03
N LEU A 91 -8.45 7.30 -1.92
CA LEU A 91 -7.12 7.76 -1.51
C LEU A 91 -7.12 9.18 -0.96
N SER A 92 -8.00 10.04 -1.47
CA SER A 92 -8.11 11.40 -0.93
C SER A 92 -8.80 11.43 0.44
N ASP A 93 -9.57 10.39 0.78
CA ASP A 93 -10.06 10.20 2.14
C ASP A 93 -8.91 10.13 3.15
N ALA A 94 -7.74 9.72 2.68
CA ALA A 94 -6.53 9.61 3.49
C ALA A 94 -5.61 10.84 3.40
N ARG A 95 -6.01 11.84 2.60
CA ARG A 95 -5.23 13.08 2.41
C ARG A 95 -3.77 12.81 2.01
N VAL A 96 -3.66 11.94 1.02
CA VAL A 96 -2.41 11.56 0.39
C VAL A 96 -1.78 12.83 -0.24
N ASP A 97 -0.45 12.94 -0.19
CA ASP A 97 0.24 14.14 -0.69
C ASP A 97 0.47 14.14 -2.21
N VAL A 98 0.48 12.94 -2.80
CA VAL A 98 0.55 12.74 -4.25
C VAL A 98 -0.21 11.48 -4.55
N MET A 99 -0.73 11.41 -5.76
CA MET A 99 -1.50 10.25 -6.20
C MET A 99 -1.08 9.85 -7.60
N GLY A 100 -0.66 8.60 -7.75
CA GLY A 100 -0.24 8.07 -9.04
C GLY A 100 -1.19 7.02 -9.56
N TYR A 101 -1.67 7.23 -10.79
CA TYR A 101 -2.45 6.24 -11.52
C TYR A 101 -1.43 5.35 -12.22
N ALA A 102 -1.35 4.10 -11.78
CA ALA A 102 -0.26 3.19 -12.18
C ALA A 102 -0.27 2.66 -13.61
N CYS A 103 -1.42 2.36 -14.19
CA CYS A 103 -1.42 1.63 -15.47
C CYS A 103 -1.35 2.50 -16.73
N LEU A 104 -0.18 2.46 -17.33
CA LEU A 104 0.16 3.21 -18.55
C LEU A 104 -0.78 2.92 -19.71
N VAL A 105 -0.99 1.64 -20.01
CA VAL A 105 -1.75 1.24 -21.18
C VAL A 105 -3.25 1.54 -21.05
N ALA A 106 -3.76 1.54 -19.83
CA ALA A 106 -5.17 1.85 -19.56
C ALA A 106 -5.47 3.28 -19.96
N ILE A 107 -4.56 4.18 -19.64
CA ILE A 107 -4.69 5.58 -20.04
C ILE A 107 -4.56 5.73 -21.56
N MET A 108 -3.48 5.20 -22.13
CA MET A 108 -3.24 5.35 -23.56
C MET A 108 -4.32 4.67 -24.42
N SER A 109 -4.86 3.55 -23.95
CA SER A 109 -5.96 2.83 -24.61
C SER A 109 -7.22 3.65 -24.84
N MET A 110 -7.38 4.74 -24.07
CA MET A 110 -8.61 5.53 -24.12
C MET A 110 -8.59 6.60 -25.19
N GLY A 111 -7.49 6.71 -25.92
CA GLY A 111 -7.38 7.71 -27.00
C GLY A 111 -6.43 8.85 -26.72
N HIS A 112 -6.02 9.53 -27.80
CA HIS A 112 -5.02 10.60 -27.72
C HIS A 112 -5.38 11.67 -26.74
N GLY A 113 -4.40 12.06 -25.93
CA GLY A 113 -4.55 13.13 -24.95
C GLY A 113 -5.30 12.76 -23.68
N TYR A 114 -5.62 11.48 -23.52
CA TYR A 114 -6.41 11.05 -22.36
C TYR A 114 -5.66 11.21 -21.03
N HIS A 115 -4.33 11.18 -21.05
CA HIS A 115 -3.58 11.38 -19.81
C HIS A 115 -3.85 12.71 -19.17
N ARG A 116 -4.08 13.74 -19.99
CA ARG A 116 -4.48 15.06 -19.48
C ARG A 116 -5.89 15.02 -18.92
N VAL A 117 -6.80 14.36 -19.63
CA VAL A 117 -8.19 14.24 -19.20
C VAL A 117 -8.24 13.56 -17.84
N SER A 118 -7.56 12.42 -17.74
CA SER A 118 -7.53 11.61 -16.52
C SER A 118 -6.99 12.39 -15.32
N ALA A 119 -5.83 13.02 -15.49
CA ALA A 119 -5.22 13.82 -14.42
C ALA A 119 -6.16 14.94 -13.93
N GLU A 120 -6.75 15.68 -14.87
CA GLU A 120 -7.65 16.78 -14.51
C GLU A 120 -8.92 16.29 -13.82
N ARG A 121 -9.48 15.19 -14.31
CA ARG A 121 -10.70 14.63 -13.71
C ARG A 121 -10.44 14.12 -12.30
N LEU A 122 -9.37 13.35 -12.13
CA LEU A 122 -8.97 12.85 -10.81
C LEU A 122 -8.66 13.97 -9.84
N ARG A 123 -7.98 15.02 -10.31
CA ARG A 123 -7.72 16.19 -9.46
C ARG A 123 -9.03 16.81 -8.97
N ASN A 124 -9.99 16.95 -9.88
CA ASN A 124 -11.32 17.50 -9.55
C ASN A 124 -12.02 16.65 -8.49
N VAL A 125 -11.99 15.33 -8.68
CA VAL A 125 -12.55 14.39 -7.72
C VAL A 125 -11.96 14.61 -6.32
N THR A 126 -10.63 14.78 -6.24
CA THR A 126 -9.98 14.97 -4.94
C THR A 126 -10.31 16.33 -4.35
N GLU A 127 -10.37 17.35 -5.21
CA GLU A 127 -10.71 18.70 -4.80
C GLU A 127 -12.11 18.76 -4.19
N ASN A 128 -13.07 18.09 -4.83
CA ASN A 128 -14.44 18.05 -4.31
C ASN A 128 -14.61 17.12 -3.12
N ASN A 129 -13.57 16.31 -2.85
CA ASN A 129 -13.50 15.51 -1.63
C ASN A 129 -12.67 16.24 -0.55
N ASP A 130 -12.46 17.53 -0.78
CA ASP A 130 -11.84 18.46 0.18
C ASP A 130 -10.36 18.17 0.43
N ALA A 131 -9.70 17.56 -0.55
CA ALA A 131 -8.28 17.25 -0.42
C ALA A 131 -7.58 17.26 -1.78
N ALA A 132 -7.52 18.45 -2.40
CA ALA A 132 -6.87 18.60 -3.70
C ALA A 132 -5.45 18.04 -3.65
N THR A 133 -5.13 17.15 -4.60
CA THR A 133 -3.86 16.43 -4.60
C THR A 133 -3.24 16.49 -5.98
N PRO A 134 -1.91 16.69 -6.06
CA PRO A 134 -1.29 16.51 -7.37
C PRO A 134 -1.47 15.08 -7.87
N ILE A 135 -1.88 14.97 -9.13
CA ILE A 135 -2.20 13.70 -9.75
C ILE A 135 -1.14 13.41 -10.81
N ILE A 136 -0.59 12.19 -10.78
CA ILE A 136 0.35 11.74 -11.80
C ILE A 136 -0.25 10.49 -12.42
N THR A 137 -0.19 10.39 -13.74
CA THR A 137 -0.43 9.11 -14.40
C THR A 137 0.90 8.61 -14.93
N SER A 138 1.08 7.29 -14.94
CA SER A 138 2.25 6.64 -15.53
C SER A 138 2.48 7.06 -16.97
N ALA A 139 1.39 7.15 -17.73
CA ALA A 139 1.43 7.52 -19.13
C ALA A 139 2.02 8.91 -19.30
N GLY A 140 1.46 9.87 -18.55
CA GLY A 140 1.91 11.25 -18.60
C GLY A 140 3.33 11.41 -18.07
N ALA A 141 3.64 10.69 -17.00
CA ALA A 141 4.97 10.71 -16.39
C ALA A 141 6.02 10.26 -17.40
N LEU A 142 5.73 9.18 -18.12
CA LEU A 142 6.64 8.66 -19.13
C LEU A 142 6.93 9.71 -20.19
N ILE A 143 5.89 10.33 -20.72
CA ILE A 143 6.05 11.40 -21.72
C ILE A 143 6.85 12.58 -21.14
N ASP A 144 6.47 13.03 -19.95
CA ASP A 144 7.18 14.13 -19.29
C ASP A 144 8.64 13.79 -18.99
N GLY A 145 8.88 12.54 -18.57
CA GLY A 145 10.24 12.07 -18.28
C GLY A 145 11.12 12.03 -19.52
N ILE A 146 10.54 11.56 -20.63
CA ILE A 146 11.24 11.55 -21.91
C ILE A 146 11.61 12.97 -22.33
N ARG A 147 10.64 13.90 -22.24
CA ARG A 147 10.90 15.30 -22.56
C ARG A 147 11.96 15.91 -21.63
N ALA A 148 11.89 15.59 -20.34
CA ALA A 148 12.88 16.08 -19.35
C ALA A 148 14.29 15.64 -19.70
N LEU A 149 14.41 14.41 -20.21
CA LEU A 149 15.68 13.89 -20.70
C LEU A 149 16.13 14.60 -21.98
N GLY A 150 15.20 15.28 -22.66
CA GLY A 150 15.49 15.89 -23.95
C GLY A 150 15.60 14.85 -25.05
N ALA A 151 15.12 13.64 -24.77
CA ALA A 151 15.13 12.55 -25.74
C ALA A 151 14.07 12.77 -26.81
N LYS A 152 14.48 12.62 -28.07
CA LYS A 152 13.60 12.87 -29.22
C LYS A 152 13.10 11.58 -29.85
N ARG A 153 13.88 10.52 -29.67
CA ARG A 153 13.61 9.23 -30.25
C ARG A 153 13.85 8.20 -29.15
N VAL A 154 13.03 7.16 -29.14
CA VAL A 154 12.99 6.23 -28.04
C VAL A 154 12.81 4.80 -28.55
N ALA A 155 13.44 3.85 -27.86
CA ALA A 155 13.15 2.44 -28.07
C ALA A 155 12.31 1.97 -26.89
N VAL A 156 11.41 1.01 -27.13
CA VAL A 156 10.39 0.66 -26.13
C VAL A 156 10.19 -0.84 -26.02
N VAL A 157 10.26 -1.36 -24.80
CA VAL A 157 9.86 -2.75 -24.55
C VAL A 157 8.54 -2.75 -23.77
N THR A 158 7.61 -3.61 -24.18
CA THR A 158 6.35 -3.79 -23.46
C THR A 158 6.06 -5.27 -23.27
N PRO A 159 5.17 -5.62 -22.31
CA PRO A 159 4.73 -7.01 -22.18
C PRO A 159 3.40 -7.30 -22.88
N TYR A 160 2.78 -6.27 -23.46
CA TYR A 160 1.42 -6.35 -23.98
C TYR A 160 1.31 -7.17 -25.25
N MET A 161 0.07 -7.60 -25.53
CA MET A 161 -0.32 -8.07 -26.86
C MET A 161 -0.03 -6.99 -27.91
N LYS A 162 0.16 -7.41 -29.15
CA LYS A 162 0.64 -6.54 -30.22
C LYS A 162 -0.24 -5.30 -30.51
N PRO A 163 -1.58 -5.46 -30.57
CA PRO A 163 -2.47 -4.30 -30.81
C PRO A 163 -2.34 -3.21 -29.76
N LEU A 164 -2.30 -3.61 -28.49
CA LEU A 164 -2.11 -2.69 -27.37
C LEU A 164 -0.77 -1.97 -27.44
N THR A 165 0.29 -2.72 -27.77
CA THR A 165 1.63 -2.15 -27.96
C THR A 165 1.62 -1.07 -29.05
N GLU A 166 0.88 -1.36 -30.13
CA GLU A 166 0.72 -0.44 -31.25
C GLU A 166 0.11 0.88 -30.79
N LEU A 167 -0.96 0.78 -30.00
CA LEU A 167 -1.62 1.95 -29.43
C LEU A 167 -0.65 2.82 -28.64
N VAL A 168 0.18 2.16 -27.81
CA VAL A 168 1.14 2.85 -26.95
C VAL A 168 2.16 3.60 -27.79
N VAL A 169 2.76 2.90 -28.75
CA VAL A 169 3.73 3.50 -29.67
C VAL A 169 3.11 4.68 -30.42
N ASP A 170 1.88 4.50 -30.92
CA ASP A 170 1.17 5.58 -31.61
C ASP A 170 0.85 6.76 -30.69
N TYR A 171 0.54 6.47 -29.42
CA TYR A 171 0.31 7.53 -28.42
C TYR A 171 1.57 8.37 -28.20
N ILE A 172 2.71 7.68 -28.07
CA ILE A 172 4.00 8.33 -27.86
C ILE A 172 4.38 9.18 -29.07
N ARG A 173 4.21 8.61 -30.27
CA ARG A 173 4.45 9.33 -31.51
C ARG A 173 3.57 10.57 -31.61
N HIS A 174 2.29 10.43 -31.23
CA HIS A 174 1.35 11.55 -31.24
C HIS A 174 1.79 12.65 -30.32
N GLU A 175 2.45 12.28 -29.22
CA GLU A 175 2.96 13.27 -28.28
C GLU A 175 4.26 13.91 -28.76
N GLY A 176 4.68 13.57 -29.97
CA GLY A 176 5.83 14.22 -30.60
C GLY A 176 7.16 13.55 -30.29
N ILE A 177 7.11 12.30 -29.85
CA ILE A 177 8.31 11.54 -29.54
C ILE A 177 8.42 10.39 -30.51
N GLU A 178 9.48 10.37 -31.29
CA GLU A 178 9.72 9.29 -32.26
C GLU A 178 9.93 7.96 -31.55
N VAL A 179 9.44 6.89 -32.16
CA VAL A 179 9.71 5.54 -31.68
C VAL A 179 10.46 4.77 -32.76
N GLY A 180 11.65 4.29 -32.40
CA GLY A 180 12.40 3.36 -33.25
C GLY A 180 11.96 1.94 -32.96
N ASP A 181 12.93 1.08 -32.70
CA ASP A 181 12.66 -0.31 -32.35
C ASP A 181 11.73 -0.43 -31.15
N TYR A 182 10.81 -1.37 -31.21
CA TYR A 182 10.02 -1.73 -30.05
C TYR A 182 9.75 -3.22 -30.05
N ARG A 183 9.57 -3.77 -28.85
CA ARG A 183 9.27 -5.19 -28.68
C ARG A 183 8.05 -5.38 -27.78
N ALA A 184 7.23 -6.37 -28.10
CA ALA A 184 6.06 -6.71 -27.32
C ALA A 184 6.14 -8.17 -26.93
N LEU A 185 6.10 -8.45 -25.63
CA LEU A 185 6.24 -9.82 -25.14
C LEU A 185 4.96 -10.65 -25.30
N GLU A 186 3.84 -9.97 -25.56
CA GLU A 186 2.54 -10.61 -25.79
C GLU A 186 2.12 -11.53 -24.65
N ILE A 187 2.14 -11.00 -23.44
CA ILE A 187 1.69 -11.72 -22.25
C ILE A 187 0.51 -10.93 -21.68
N SER A 188 -0.70 -11.48 -21.76
CA SER A 188 -1.91 -10.76 -21.36
C SER A 188 -2.35 -11.09 -19.93
N ASP A 189 -1.99 -12.27 -19.45
CA ASP A 189 -2.22 -12.64 -18.05
C ASP A 189 -1.31 -11.76 -17.18
N ASN A 190 -1.92 -10.88 -16.39
CA ASN A 190 -1.16 -9.87 -15.66
C ASN A 190 -0.26 -10.45 -14.57
N LEU A 191 -0.70 -11.54 -13.96
CA LEU A 191 0.16 -12.28 -13.02
C LEU A 191 1.34 -12.96 -13.73
N ALA A 192 1.14 -13.41 -14.97
CA ALA A 192 2.25 -13.93 -15.76
C ALA A 192 3.23 -12.81 -16.15
N VAL A 193 2.72 -11.60 -16.37
CA VAL A 193 3.58 -10.44 -16.65
C VAL A 193 4.53 -10.19 -15.47
N ALA A 194 4.00 -10.26 -14.25
CA ALA A 194 4.79 -10.12 -13.03
C ALA A 194 5.87 -11.20 -12.90
N ALA A 195 5.63 -12.36 -13.49
CA ALA A 195 6.54 -13.51 -13.38
C ALA A 195 7.70 -13.45 -14.38
N HIS A 196 7.64 -12.51 -15.33
CA HIS A 196 8.70 -12.36 -16.33
C HIS A 196 10.00 -11.98 -15.68
N ASP A 197 11.04 -12.76 -15.97
CA ASP A 197 12.35 -12.56 -15.37
C ASP A 197 12.99 -11.28 -15.89
N PRO A 198 13.24 -10.30 -15.00
CA PRO A 198 13.86 -9.05 -15.45
C PRO A 198 15.28 -9.23 -16.01
N MET A 199 15.91 -10.36 -15.71
CA MET A 199 17.26 -10.63 -16.23
C MET A 199 17.25 -11.04 -17.70
N ASN A 200 16.06 -11.32 -18.23
CA ASN A 200 15.86 -11.51 -19.66
C ASN A 200 15.95 -10.19 -20.42
N LEU A 201 15.70 -9.07 -19.74
CA LEU A 201 15.56 -7.78 -20.41
C LEU A 201 16.82 -7.25 -21.10
N PRO A 202 18.02 -7.40 -20.46
CA PRO A 202 19.24 -6.96 -21.16
C PRO A 202 19.45 -7.63 -22.53
N GLY A 203 19.13 -8.91 -22.64
CA GLY A 203 19.29 -9.65 -23.90
C GLY A 203 18.26 -9.23 -24.95
N ILE A 204 17.04 -8.95 -24.51
CA ILE A 204 15.99 -8.42 -25.39
C ILE A 204 16.43 -7.08 -25.96
N ILE A 205 16.90 -6.19 -25.09
CA ILE A 205 17.34 -4.85 -25.50
C ILE A 205 18.59 -4.92 -26.40
N ALA A 206 19.48 -5.88 -26.11
CA ALA A 206 20.66 -6.13 -26.96
C ALA A 206 20.29 -6.52 -28.39
N SER A 207 19.17 -7.22 -28.55
CA SER A 207 18.70 -7.64 -29.87
C SER A 207 17.74 -6.62 -30.51
N MET A 208 17.79 -5.39 -30.01
CA MET A 208 17.09 -4.26 -30.61
C MET A 208 18.13 -3.24 -31.04
N ARG A 209 17.80 -2.43 -32.04
CA ARG A 209 18.67 -1.34 -32.43
C ARG A 209 18.51 -0.20 -31.43
N THR A 210 19.61 0.21 -30.80
CA THR A 210 19.57 1.27 -29.79
C THR A 210 20.58 2.39 -30.04
N ASP A 211 21.38 2.25 -31.10
CA ASP A 211 22.33 3.28 -31.49
C ASP A 211 21.67 4.56 -31.99
N ASP A 212 20.51 4.42 -32.64
CA ASP A 212 19.79 5.55 -33.24
C ASP A 212 18.70 6.11 -32.31
N VAL A 213 18.83 5.81 -31.03
CA VAL A 213 17.80 6.14 -30.04
C VAL A 213 18.41 7.04 -28.96
N ASP A 214 17.60 7.93 -28.37
CA ASP A 214 18.09 8.81 -27.30
C ASP A 214 17.91 8.23 -25.90
N ALA A 215 16.84 7.46 -25.72
CA ALA A 215 16.57 6.81 -24.44
C ALA A 215 15.86 5.49 -24.68
N ILE A 216 16.00 4.58 -23.72
CA ILE A 216 15.39 3.26 -23.80
C ILE A 216 14.33 3.14 -22.72
N VAL A 217 13.12 2.78 -23.13
CA VAL A 217 12.05 2.49 -22.21
C VAL A 217 12.06 0.98 -21.99
N ILE A 218 12.66 0.58 -20.87
CA ILE A 218 12.86 -0.83 -20.55
C ILE A 218 11.53 -1.55 -20.23
N SER A 219 10.55 -0.78 -19.75
CA SER A 219 9.20 -1.28 -19.57
C SER A 219 8.22 -0.12 -19.65
N ALA A 220 7.31 -0.19 -20.62
CA ALA A 220 6.20 0.76 -20.71
C ALA A 220 5.12 0.38 -19.71
N ALA A 221 5.13 -0.88 -19.29
CA ALA A 221 4.18 -1.39 -18.32
C ALA A 221 4.71 -1.29 -16.91
N VAL A 222 3.79 -1.25 -15.97
CA VAL A 222 4.09 -1.08 -14.59
C VAL A 222 4.07 -2.43 -13.85
N GLN A 223 3.49 -3.46 -14.49
CA GLN A 223 3.52 -4.81 -13.93
C GLN A 223 4.83 -5.56 -14.19
N MET A 224 5.46 -5.31 -15.33
CA MET A 224 6.68 -6.03 -15.69
C MET A 224 7.87 -5.49 -14.89
N PRO A 225 8.48 -6.35 -14.05
CA PRO A 225 9.63 -5.90 -13.25
C PRO A 225 10.79 -5.50 -14.14
N SER A 226 11.44 -4.38 -13.82
CA SER A 226 12.56 -3.93 -14.62
C SER A 226 13.62 -3.23 -13.79
N LEU A 227 13.24 -2.78 -12.59
CA LEU A 227 14.14 -1.97 -11.76
C LEU A 227 15.54 -2.58 -11.60
N ASN A 228 15.60 -3.88 -11.33
CA ASN A 228 16.87 -4.57 -11.08
C ASN A 228 17.76 -4.78 -12.32
N ALA A 229 17.27 -4.38 -13.49
CA ALA A 229 18.04 -4.48 -14.73
C ALA A 229 18.43 -3.12 -15.30
N ILE A 230 17.91 -2.06 -14.72
CA ILE A 230 18.09 -0.70 -15.25
C ILE A 230 19.55 -0.26 -15.37
N THR A 231 20.30 -0.42 -14.30
CA THR A 231 21.69 0.06 -14.28
C THR A 231 22.58 -0.77 -15.20
N MET A 232 22.36 -2.08 -15.23
CA MET A 232 23.03 -3.00 -16.15
C MET A 232 22.83 -2.57 -17.60
N VAL A 233 21.58 -2.31 -17.97
CA VAL A 233 21.24 -1.91 -19.35
C VAL A 233 21.83 -0.55 -19.73
N GLU A 234 21.86 0.39 -18.79
CA GLU A 234 22.55 1.65 -19.01
C GLU A 234 24.04 1.45 -19.27
N ALA A 235 24.65 0.54 -18.51
CA ALA A 235 26.07 0.22 -18.68
C ALA A 235 26.34 -0.41 -20.04
N GLN A 236 25.48 -1.34 -20.43
CA GLN A 236 25.62 -2.08 -21.68
C GLN A 236 25.37 -1.24 -22.92
N THR A 237 24.39 -0.33 -22.84
CA THR A 237 23.96 0.43 -24.02
C THR A 237 24.54 1.85 -24.08
N ARG A 238 24.93 2.37 -22.91
CA ARG A 238 25.35 3.78 -22.73
C ARG A 238 24.26 4.79 -23.11
N LYS A 239 23.01 4.35 -23.03
CA LYS A 239 21.85 5.22 -23.20
C LYS A 239 21.08 5.34 -21.88
N PRO A 240 20.41 6.49 -21.67
CA PRO A 240 19.49 6.60 -20.53
C PRO A 240 18.41 5.53 -20.62
N VAL A 241 18.12 4.90 -19.49
CA VAL A 241 17.06 3.91 -19.42
C VAL A 241 16.03 4.37 -18.41
N ILE A 242 14.76 4.34 -18.83
CA ILE A 242 13.65 4.66 -17.95
C ILE A 242 12.61 3.55 -18.03
N SER A 243 11.69 3.57 -17.06
CA SER A 243 10.56 2.67 -17.05
C SER A 243 9.36 3.48 -16.61
N ALA A 244 8.15 2.97 -16.86
CA ALA A 244 6.94 3.64 -16.40
C ALA A 244 7.00 3.88 -14.88
N ALA A 245 7.50 2.89 -14.14
CA ALA A 245 7.65 2.99 -12.69
C ALA A 245 8.62 4.10 -12.30
N VAL A 246 9.77 4.13 -12.98
CA VAL A 246 10.79 5.16 -12.72
C VAL A 246 10.29 6.57 -13.06
N ALA A 247 9.64 6.70 -14.21
CA ALA A 247 9.08 7.99 -14.65
C ALA A 247 8.03 8.52 -13.66
N THR A 248 7.19 7.62 -13.16
CA THR A 248 6.15 7.94 -12.17
C THR A 248 6.76 8.49 -10.88
N THR A 249 7.82 7.86 -10.38
CA THR A 249 8.42 8.35 -9.13
C THR A 249 9.12 9.68 -9.35
N TRP A 250 9.76 9.82 -10.51
CA TRP A 250 10.31 11.10 -10.91
C TRP A 250 9.24 12.17 -10.91
N ALA A 251 8.09 11.87 -11.52
CA ALA A 251 7.00 12.85 -11.59
C ALA A 251 6.37 13.17 -10.24
N MET A 252 6.22 12.15 -9.39
CA MET A 252 5.72 12.36 -8.03
C MET A 252 6.65 13.28 -7.23
N LEU A 253 7.95 12.97 -7.26
CA LEU A 253 8.95 13.80 -6.59
C LEU A 253 8.93 15.25 -7.09
N THR A 254 8.90 15.43 -8.41
CA THR A 254 8.88 16.77 -8.99
C THR A 254 7.61 17.54 -8.61
N ALA A 255 6.48 16.82 -8.54
CA ALA A 255 5.21 17.44 -8.20
C ALA A 255 5.21 17.92 -6.74
N LEU A 256 6.07 17.31 -5.92
CA LEU A 256 6.21 17.68 -4.52
C LEU A 256 7.37 18.63 -4.28
N ASP A 257 7.93 19.16 -5.36
CA ASP A 257 9.07 20.09 -5.30
C ASP A 257 10.29 19.49 -4.56
N LEU A 258 10.51 18.19 -4.75
CA LEU A 258 11.63 17.50 -4.10
C LEU A 258 12.70 17.10 -5.10
N PRO A 259 13.99 17.13 -4.69
CA PRO A 259 15.10 16.61 -5.49
C PRO A 259 14.83 15.18 -5.97
N THR A 260 15.31 14.85 -7.16
CA THR A 260 14.95 13.60 -7.82
C THR A 260 16.13 12.64 -7.94
N ARG A 261 17.04 12.71 -6.98
CA ARG A 261 18.18 11.82 -6.96
C ARG A 261 17.85 10.56 -6.17
N VAL A 262 17.77 9.45 -6.88
CA VAL A 262 17.45 8.15 -6.29
C VAL A 262 18.47 7.11 -6.73
N PRO A 263 19.25 6.56 -5.77
CA PRO A 263 20.23 5.52 -6.08
C PRO A 263 19.59 4.33 -6.79
N GLY A 264 20.14 3.93 -7.93
CA GLY A 264 19.69 2.75 -8.66
C GLY A 264 18.50 2.99 -9.58
N GLY A 265 18.14 4.25 -9.78
CA GLY A 265 16.94 4.61 -10.54
C GLY A 265 17.20 5.07 -11.97
N GLY A 266 18.45 4.92 -12.41
CA GLY A 266 18.85 5.28 -13.77
C GLY A 266 18.99 6.78 -13.98
N THR A 267 19.26 7.16 -15.23
CA THR A 267 19.56 8.54 -15.60
C THR A 267 18.51 9.57 -15.16
N LEU A 268 17.23 9.26 -15.35
CA LEU A 268 16.16 10.21 -15.02
C LEU A 268 16.20 10.57 -13.54
N LEU A 269 16.59 9.60 -12.73
CA LEU A 269 16.69 9.77 -11.27
C LEU A 269 18.13 9.99 -10.81
N SER A 270 18.97 10.49 -11.71
CA SER A 270 20.38 10.75 -11.41
C SER A 270 20.54 11.93 -10.45
N GLY A 271 19.53 12.78 -10.39
CA GLY A 271 19.62 14.05 -9.67
C GLY A 271 19.85 15.22 -10.60
N ALA A 272 20.08 14.93 -11.88
CA ALA A 272 20.33 16.01 -12.86
C ALA A 272 19.05 16.59 -13.46
N TYR A 273 17.90 15.98 -13.19
CA TYR A 273 16.64 16.40 -13.86
C TYR A 273 15.52 16.87 -12.92
N LEU A 274 15.34 18.18 -12.83
CA LEU A 274 14.19 18.76 -12.09
C LEU A 274 13.19 19.49 -12.99
N GLU A 275 12.80 18.86 -14.09
CA GLU A 275 11.81 19.44 -15.01
C GLU A 275 10.41 19.40 -14.38
N VAL B 27 10.35 -13.28 -0.92
CA VAL B 27 9.47 -12.09 -0.78
C VAL B 27 8.08 -12.51 -0.29
N VAL B 28 7.62 -11.90 0.80
CA VAL B 28 6.28 -12.13 1.33
C VAL B 28 5.34 -10.97 0.98
N ARG B 29 4.24 -11.29 0.31
CA ARG B 29 3.25 -10.28 -0.10
C ARG B 29 2.15 -10.10 0.94
N VAL B 30 2.13 -8.95 1.59
CA VAL B 30 1.15 -8.64 2.64
C VAL B 30 -0.01 -7.79 2.12
N GLY B 31 -1.22 -8.34 2.18
CA GLY B 31 -2.43 -7.62 1.81
C GLY B 31 -3.03 -6.88 2.99
N GLN B 32 -3.52 -5.67 2.73
CA GLN B 32 -4.12 -4.84 3.79
C GLN B 32 -5.48 -4.30 3.36
N ILE B 33 -6.53 -4.72 4.06
CA ILE B 33 -7.87 -4.22 3.81
C ILE B 33 -8.10 -3.10 4.82
N VAL B 34 -8.14 -1.86 4.32
CA VAL B 34 -8.19 -0.70 5.21
C VAL B 34 -9.35 0.22 4.89
N PRO B 35 -9.92 0.85 5.94
CA PRO B 35 -10.80 2.00 5.69
C PRO B 35 -10.04 3.04 4.86
N SER B 36 -10.75 3.70 3.95
CA SER B 36 -10.12 4.65 3.04
C SER B 36 -9.32 5.72 3.79
N SER B 37 -9.86 6.17 4.93
CA SER B 37 -9.23 7.20 5.76
C SER B 37 -8.14 6.67 6.71
N ASN B 38 -7.97 5.35 6.75
CA ASN B 38 -6.93 4.72 7.58
C ASN B 38 -5.55 4.93 6.94
N ILE B 39 -4.61 5.45 7.73
CA ILE B 39 -3.23 5.63 7.27
C ILE B 39 -2.22 4.91 8.17
N THR B 40 -2.64 4.54 9.38
CA THR B 40 -1.71 4.01 10.36
C THR B 40 -1.39 2.52 10.17
N MET B 41 -2.33 1.74 9.63
CA MET B 41 -1.99 0.35 9.32
C MET B 41 -0.86 0.28 8.31
N GLU B 42 -0.94 1.12 7.28
CA GLU B 42 0.08 1.21 6.25
C GLU B 42 1.34 1.91 6.73
N THR B 43 1.33 2.35 7.99
CA THR B 43 2.49 2.98 8.58
C THR B 43 3.20 2.02 9.54
N GLU B 44 2.45 1.52 10.53
CA GLU B 44 3.04 0.70 11.59
C GLU B 44 3.34 -0.73 11.18
N ILE B 45 2.50 -1.31 10.33
CA ILE B 45 2.77 -2.67 9.86
C ILE B 45 4.04 -2.75 8.99
N PRO B 46 4.15 -1.88 7.96
CA PRO B 46 5.44 -1.79 7.29
C PRO B 46 6.62 -1.48 8.22
N ALA B 47 6.46 -0.58 9.18
CA ALA B 47 7.55 -0.21 10.10
C ALA B 47 8.03 -1.43 10.89
N LEU B 48 7.08 -2.17 11.46
CA LEU B 48 7.34 -3.42 12.18
C LEU B 48 8.04 -4.45 11.30
N LEU B 49 7.51 -4.67 10.10
CA LEU B 49 8.05 -5.69 9.22
C LEU B 49 9.43 -5.32 8.65
N LYS B 50 9.64 -4.03 8.40
CA LYS B 50 10.95 -3.49 8.06
C LYS B 50 11.97 -3.75 9.17
N ALA B 51 11.54 -3.54 10.41
CA ALA B 51 12.37 -3.86 11.56
C ALA B 51 12.72 -5.35 11.60
N ARG B 52 11.74 -6.20 11.29
CA ARG B 52 11.96 -7.66 11.24
C ARG B 52 13.01 -8.07 10.21
N GLU B 53 13.02 -7.38 9.06
CA GLU B 53 14.00 -7.67 7.99
C GLU B 53 15.45 -7.59 8.46
N LEU B 54 15.67 -6.86 9.55
CA LEU B 54 17.00 -6.75 10.15
C LEU B 54 17.43 -7.99 10.93
N VAL B 55 16.45 -8.76 11.43
CA VAL B 55 16.76 -9.93 12.27
C VAL B 55 16.39 -11.27 11.64
N ALA B 56 15.67 -11.21 10.52
CA ALA B 56 15.23 -12.42 9.82
C ALA B 56 15.36 -12.20 8.30
N PRO B 57 15.55 -13.29 7.54
CA PRO B 57 15.84 -13.18 6.09
C PRO B 57 14.68 -12.77 5.19
N GLU B 58 13.44 -12.86 5.66
CA GLU B 58 12.28 -12.55 4.82
C GLU B 58 12.20 -11.07 4.47
N ARG B 59 11.75 -10.78 3.24
CA ARG B 59 11.44 -9.41 2.83
C ARG B 59 9.97 -9.29 2.44
N PHE B 60 9.42 -8.10 2.65
CA PHE B 60 7.99 -7.90 2.52
C PHE B 60 7.64 -6.83 1.50
N THR B 61 6.57 -7.07 0.74
CA THR B 61 5.95 -6.02 -0.06
C THR B 61 4.53 -5.84 0.44
N PHE B 62 3.98 -4.64 0.26
CA PHE B 62 2.70 -4.28 0.85
C PHE B 62 1.69 -3.86 -0.21
N HIS B 63 0.46 -4.34 -0.06
CA HIS B 63 -0.57 -4.17 -1.07
C HIS B 63 -1.86 -3.94 -0.36
N SER B 64 -2.57 -2.88 -0.76
CA SER B 64 -3.78 -2.45 -0.06
C SER B 64 -5.00 -2.38 -0.96
N SER B 65 -6.15 -2.54 -0.33
CA SER B 65 -7.44 -2.24 -0.92
C SER B 65 -8.26 -1.49 0.11
N ARG B 66 -9.07 -0.55 -0.36
CA ARG B 66 -9.78 0.38 0.50
C ARG B 66 -11.30 0.24 0.45
N MET B 67 -11.91 0.44 1.61
CA MET B 67 -13.36 0.52 1.75
C MET B 67 -13.67 1.89 2.36
N ARG B 68 -14.53 2.64 1.69
CA ARG B 68 -14.75 4.05 2.02
C ARG B 68 -15.37 4.27 3.40
N MET B 69 -14.79 5.20 4.15
CA MET B 69 -15.34 5.63 5.43
C MET B 69 -14.53 6.79 6.03
N LYS B 70 -15.24 7.86 6.40
CA LYS B 70 -14.61 9.04 7.02
C LYS B 70 -14.96 9.17 8.50
N HIS B 71 -16.19 8.79 8.84
CA HIS B 71 -16.69 8.98 10.20
C HIS B 71 -17.02 7.67 10.85
N VAL B 72 -16.48 7.47 12.05
CA VAL B 72 -16.62 6.20 12.74
C VAL B 72 -17.91 6.17 13.54
N THR B 73 -18.99 5.80 12.86
CA THR B 73 -20.30 5.57 13.47
C THR B 73 -20.78 4.16 13.19
N LYS B 74 -21.69 3.68 14.04
CA LYS B 74 -22.30 2.35 13.90
C LYS B 74 -22.76 2.08 12.46
N GLU B 75 -23.46 3.04 11.86
CA GLU B 75 -24.00 2.91 10.50
C GLU B 75 -22.92 2.83 9.43
N GLU B 76 -21.95 3.73 9.49
CA GLU B 76 -20.87 3.79 8.51
C GLU B 76 -19.97 2.57 8.60
N LEU B 77 -19.69 2.12 9.83
CA LEU B 77 -18.93 0.91 10.07
C LEU B 77 -19.57 -0.31 9.41
N ALA B 78 -20.90 -0.41 9.55
CA ALA B 78 -21.68 -1.48 8.94
C ALA B 78 -21.65 -1.43 7.41
N ARG B 79 -21.85 -0.24 6.84
CA ARG B 79 -21.76 -0.04 5.38
C ARG B 79 -20.37 -0.39 4.87
N MET B 80 -19.33 0.10 5.56
CA MET B 80 -17.96 -0.15 5.16
C MET B 80 -17.63 -1.65 5.18
N ASP B 81 -18.04 -2.33 6.24
CA ASP B 81 -17.84 -3.78 6.34
C ASP B 81 -18.49 -4.53 5.18
N GLY B 82 -19.63 -4.02 4.70
CA GLY B 82 -20.28 -4.58 3.51
C GLY B 82 -19.40 -4.61 2.28
N ASP B 83 -18.39 -3.73 2.27
CA ASP B 83 -17.41 -3.64 1.18
C ASP B 83 -16.18 -4.54 1.37
N SER B 84 -16.07 -5.20 2.53
CA SER B 84 -14.96 -6.10 2.87
C SER B 84 -14.65 -7.08 1.76
N ASP B 85 -15.71 -7.69 1.24
CA ASP B 85 -15.61 -8.76 0.27
C ASP B 85 -14.95 -8.31 -1.03
N ARG B 86 -15.34 -7.12 -1.51
CA ARG B 86 -14.73 -6.54 -2.70
C ARG B 86 -13.22 -6.43 -2.49
N CYS B 87 -12.82 -5.94 -1.31
CA CYS B 87 -11.41 -5.76 -0.97
C CYS B 87 -10.65 -7.08 -1.00
N ALA B 88 -11.22 -8.12 -0.39
CA ALA B 88 -10.59 -9.45 -0.41
C ALA B 88 -10.48 -9.98 -1.84
N LEU B 89 -11.47 -9.67 -2.67
CA LEU B 89 -11.45 -10.08 -4.08
C LEU B 89 -10.28 -9.40 -4.79
N GLU B 90 -10.22 -8.08 -4.65
CA GLU B 90 -9.19 -7.24 -5.28
C GLU B 90 -7.78 -7.68 -4.87
N LEU B 91 -7.58 -7.98 -3.59
CA LEU B 91 -6.25 -8.36 -3.10
C LEU B 91 -5.84 -9.77 -3.48
N SER B 92 -6.83 -10.67 -3.59
CA SER B 92 -6.52 -12.04 -4.01
C SER B 92 -6.23 -12.14 -5.51
N ASP B 93 -6.62 -11.12 -6.28
CA ASP B 93 -6.21 -10.97 -7.68
C ASP B 93 -4.68 -10.89 -7.80
N ALA B 94 -4.04 -10.36 -6.76
CA ALA B 94 -2.58 -10.20 -6.73
C ALA B 94 -1.86 -11.36 -6.01
N ARG B 95 -2.64 -12.37 -5.61
CA ARG B 95 -2.10 -13.60 -4.97
C ARG B 95 -1.24 -13.27 -3.75
N VAL B 96 -1.80 -12.40 -2.91
CA VAL B 96 -1.20 -11.98 -1.66
C VAL B 96 -1.10 -13.16 -0.68
N ASP B 97 -0.03 -13.19 0.13
CA ASP B 97 0.24 -14.33 1.03
C ASP B 97 -0.57 -14.31 2.33
N VAL B 98 -0.94 -13.11 2.78
CA VAL B 98 -1.85 -12.89 3.91
C VAL B 98 -2.64 -11.62 3.69
N MET B 99 -3.79 -11.52 4.38
CA MET B 99 -4.56 -10.28 4.43
C MET B 99 -4.89 -9.90 5.87
N GLY B 100 -4.70 -8.63 6.18
CA GLY B 100 -5.10 -8.08 7.47
C GLY B 100 -6.19 -7.03 7.30
N TYR B 101 -7.33 -7.27 7.96
CA TYR B 101 -8.45 -6.33 8.01
C TYR B 101 -8.20 -5.37 9.17
N ALA B 102 -8.04 -4.09 8.86
CA ALA B 102 -7.54 -3.09 9.82
C ALA B 102 -8.48 -2.65 10.94
N CYS B 103 -9.77 -2.50 10.63
CA CYS B 103 -10.69 -1.82 11.55
C CYS B 103 -11.29 -2.72 12.63
N LEU B 104 -10.73 -2.59 13.83
CA LEU B 104 -11.16 -3.36 15.01
C LEU B 104 -12.64 -3.13 15.34
N VAL B 105 -13.03 -1.86 15.51
CA VAL B 105 -14.38 -1.52 15.95
C VAL B 105 -15.48 -1.95 14.96
N ALA B 106 -15.16 -1.96 13.66
CA ALA B 106 -16.09 -2.42 12.63
C ALA B 106 -16.51 -3.86 12.90
N ILE B 107 -15.53 -4.70 13.17
CA ILE B 107 -15.76 -6.11 13.45
C ILE B 107 -16.55 -6.29 14.75
N MET B 108 -16.06 -5.68 15.82
CA MET B 108 -16.68 -5.81 17.14
C MET B 108 -18.08 -5.18 17.19
N SER B 109 -18.28 -4.18 16.34
CA SER B 109 -19.58 -3.50 16.20
C SER B 109 -20.66 -4.39 15.59
N MET B 110 -20.27 -5.34 14.74
CA MET B 110 -21.24 -6.17 14.01
C MET B 110 -21.94 -7.21 14.88
N GLY B 111 -21.35 -7.54 16.03
CA GLY B 111 -21.94 -8.53 16.95
C GLY B 111 -20.91 -9.47 17.53
N HIS B 112 -21.29 -10.21 18.57
CA HIS B 112 -20.40 -11.15 19.25
C HIS B 112 -19.89 -12.22 18.34
N GLY B 113 -18.60 -12.51 18.44
CA GLY B 113 -17.96 -13.58 17.68
C GLY B 113 -17.75 -13.30 16.20
N TYR B 114 -18.03 -12.06 15.78
CA TYR B 114 -17.99 -11.71 14.36
C TYR B 114 -16.62 -11.81 13.70
N HIS B 115 -15.55 -11.72 14.47
CA HIS B 115 -14.20 -11.84 13.89
C HIS B 115 -13.97 -13.16 13.22
N ARG B 116 -14.60 -14.21 13.75
CA ARG B 116 -14.53 -15.53 13.14
C ARG B 116 -15.35 -15.63 11.86
N VAL B 117 -16.58 -15.10 11.90
CA VAL B 117 -17.48 -15.11 10.75
C VAL B 117 -16.86 -14.32 9.59
N SER B 118 -16.37 -13.11 9.90
CA SER B 118 -15.71 -12.26 8.91
C SER B 118 -14.52 -12.94 8.25
N ALA B 119 -13.60 -13.47 9.06
CA ALA B 119 -12.40 -14.12 8.53
C ALA B 119 -12.75 -15.28 7.59
N GLU B 120 -13.75 -16.07 7.99
CA GLU B 120 -14.22 -17.20 7.20
C GLU B 120 -14.84 -16.77 5.86
N ARG B 121 -15.73 -15.78 5.91
CA ARG B 121 -16.38 -15.30 4.70
C ARG B 121 -15.36 -14.71 3.74
N LEU B 122 -14.41 -13.94 4.27
CA LEU B 122 -13.37 -13.32 3.45
C LEU B 122 -12.42 -14.35 2.84
N ARG B 123 -12.08 -15.39 3.60
CA ARG B 123 -11.26 -16.48 3.08
C ARG B 123 -11.97 -17.18 1.91
N ASN B 124 -13.26 -17.44 2.06
CA ASN B 124 -14.06 -18.07 1.02
C ASN B 124 -14.09 -17.28 -0.28
N VAL B 125 -14.19 -15.96 -0.17
CA VAL B 125 -14.07 -15.03 -1.30
C VAL B 125 -12.76 -15.28 -2.06
N THR B 126 -11.64 -15.33 -1.33
CA THR B 126 -10.32 -15.55 -1.95
C THR B 126 -10.21 -16.93 -2.59
N GLU B 127 -10.79 -17.95 -1.95
CA GLU B 127 -10.81 -19.29 -2.51
C GLU B 127 -11.61 -19.37 -3.81
N ASN B 128 -12.79 -18.74 -3.83
CA ASN B 128 -13.61 -18.67 -5.04
C ASN B 128 -12.93 -17.86 -6.16
N ASN B 129 -11.95 -17.05 -5.78
CA ASN B 129 -11.13 -16.31 -6.73
C ASN B 129 -9.82 -17.06 -7.04
N ASP B 130 -9.83 -18.37 -6.76
CA ASP B 130 -8.71 -19.27 -7.07
C ASP B 130 -7.40 -18.93 -6.34
N ALA B 131 -7.51 -18.29 -5.19
CA ALA B 131 -6.34 -17.86 -4.43
C ALA B 131 -6.65 -17.79 -2.95
N ALA B 132 -6.95 -18.94 -2.35
CA ALA B 132 -7.27 -19.02 -0.92
C ALA B 132 -6.09 -18.48 -0.11
N THR B 133 -6.37 -17.54 0.78
CA THR B 133 -5.32 -16.92 1.59
C THR B 133 -5.77 -16.76 3.03
N PRO B 134 -4.84 -16.87 4.00
CA PRO B 134 -5.20 -16.65 5.41
C PRO B 134 -5.67 -15.22 5.64
N ILE B 135 -6.79 -15.08 6.35
CA ILE B 135 -7.35 -13.77 6.68
C ILE B 135 -7.24 -13.49 8.17
N ILE B 136 -6.63 -12.34 8.48
CA ILE B 136 -6.47 -11.88 9.84
C ILE B 136 -7.35 -10.63 10.00
N THR B 137 -8.14 -10.57 11.06
CA THR B 137 -8.78 -9.31 11.43
C THR B 137 -8.04 -8.78 12.65
N SER B 138 -7.89 -7.45 12.72
CA SER B 138 -7.28 -6.82 13.90
C SER B 138 -8.05 -7.11 15.19
N ALA B 139 -9.37 -7.30 15.08
CA ALA B 139 -10.19 -7.70 16.23
C ALA B 139 -9.78 -9.07 16.77
N GLY B 140 -9.78 -10.07 15.89
CA GLY B 140 -9.34 -11.43 16.24
C GLY B 140 -7.89 -11.50 16.68
N ALA B 141 -7.03 -10.72 16.02
CA ALA B 141 -5.61 -10.68 16.35
C ALA B 141 -5.36 -10.19 17.77
N LEU B 142 -6.11 -9.17 18.19
CA LEU B 142 -5.97 -8.60 19.54
C LEU B 142 -6.36 -9.62 20.61
N ILE B 143 -7.50 -10.28 20.39
CA ILE B 143 -7.95 -11.34 21.28
C ILE B 143 -6.95 -12.49 21.33
N ASP B 144 -6.50 -12.96 20.17
CA ASP B 144 -5.53 -14.06 20.12
C ASP B 144 -4.19 -13.66 20.75
N GLY B 145 -3.77 -12.42 20.51
CA GLY B 145 -2.55 -11.87 21.10
C GLY B 145 -2.63 -11.80 22.61
N ILE B 146 -3.75 -11.31 23.13
CA ILE B 146 -3.99 -11.25 24.59
C ILE B 146 -3.87 -12.66 25.20
N ARG B 147 -4.50 -13.63 24.55
CA ARG B 147 -4.47 -15.02 25.00
C ARG B 147 -3.07 -15.63 24.94
N ALA B 148 -2.35 -15.35 23.86
CA ALA B 148 -0.97 -15.81 23.70
C ALA B 148 -0.07 -15.28 24.82
N LEU B 149 -0.37 -14.07 25.29
CA LEU B 149 0.34 -13.48 26.43
C LEU B 149 -0.02 -14.13 27.77
N GLY B 150 -1.10 -14.92 27.78
CA GLY B 150 -1.58 -15.54 29.01
C GLY B 150 -2.35 -14.57 29.88
N ALA B 151 -2.60 -13.37 29.37
CA ALA B 151 -3.28 -12.32 30.12
C ALA B 151 -4.77 -12.62 30.32
N LYS B 152 -5.22 -12.56 31.57
CA LYS B 152 -6.62 -12.81 31.92
C LYS B 152 -7.41 -11.51 32.02
N ARG B 153 -6.71 -10.44 32.38
CA ARG B 153 -7.32 -9.16 32.64
C ARG B 153 -6.49 -8.09 31.97
N VAL B 154 -7.18 -7.09 31.44
CA VAL B 154 -6.58 -6.13 30.54
C VAL B 154 -7.10 -4.70 30.78
N ALA B 155 -6.22 -3.72 30.63
CA ALA B 155 -6.64 -2.31 30.56
C ALA B 155 -6.59 -1.85 29.10
N VAL B 156 -7.54 -1.01 28.69
CA VAL B 156 -7.69 -0.66 27.25
C VAL B 156 -7.80 0.85 26.99
N VAL B 157 -7.04 1.34 26.00
CA VAL B 157 -7.24 2.70 25.50
C VAL B 157 -7.79 2.63 24.07
N THR B 158 -8.86 3.39 23.81
CA THR B 158 -9.45 3.49 22.48
C THR B 158 -9.59 4.96 22.08
N PRO B 159 -9.64 5.24 20.76
CA PRO B 159 -9.98 6.58 20.27
C PRO B 159 -11.48 6.77 19.99
N TYR B 160 -12.26 5.70 20.16
CA TYR B 160 -13.67 5.70 19.73
C TYR B 160 -14.59 6.54 20.62
N MET B 161 -15.76 6.86 20.10
CA MET B 161 -16.85 7.45 20.90
C MET B 161 -17.29 6.45 21.98
N LYS B 162 -17.80 6.98 23.09
CA LYS B 162 -18.16 6.15 24.24
C LYS B 162 -19.05 4.93 23.95
N PRO B 163 -20.16 5.10 23.19
CA PRO B 163 -20.98 3.91 22.96
C PRO B 163 -20.23 2.80 22.22
N LEU B 164 -19.40 3.17 21.24
CA LEU B 164 -18.63 2.18 20.49
C LEU B 164 -17.59 1.47 21.34
N THR B 165 -16.88 2.19 22.19
CA THR B 165 -15.91 1.52 23.08
C THR B 165 -16.60 0.66 24.14
N GLU B 166 -17.84 0.99 24.48
CA GLU B 166 -18.66 0.10 25.33
C GLU B 166 -18.88 -1.24 24.63
N LEU B 167 -19.17 -1.20 23.34
CA LEU B 167 -19.30 -2.40 22.53
C LEU B 167 -17.99 -3.19 22.47
N VAL B 168 -16.88 -2.48 22.31
CA VAL B 168 -15.55 -3.10 22.24
C VAL B 168 -15.22 -3.84 23.54
N VAL B 169 -15.39 -3.14 24.67
CA VAL B 169 -15.15 -3.72 25.99
C VAL B 169 -16.04 -4.95 26.24
N ASP B 170 -17.32 -4.84 25.89
CA ASP B 170 -18.27 -5.94 26.02
C ASP B 170 -17.87 -7.15 25.15
N TYR B 171 -17.40 -6.88 23.93
CA TYR B 171 -16.92 -7.92 23.03
C TYR B 171 -15.74 -8.68 23.64
N ILE B 172 -14.76 -7.93 24.14
CA ILE B 172 -13.58 -8.50 24.79
C ILE B 172 -13.97 -9.36 26.00
N ARG B 173 -14.87 -8.84 26.83
CA ARG B 173 -15.37 -9.55 28.00
C ARG B 173 -16.12 -10.83 27.62
N HIS B 174 -16.83 -10.79 26.50
CA HIS B 174 -17.53 -11.95 25.97
C HIS B 174 -16.58 -13.03 25.52
N GLU B 175 -15.36 -12.63 25.14
CA GLU B 175 -14.32 -13.57 24.69
C GLU B 175 -13.54 -14.20 25.86
N GLY B 176 -13.94 -13.89 27.09
CA GLY B 176 -13.32 -14.48 28.28
C GLY B 176 -12.14 -13.68 28.82
N ILE B 177 -11.99 -12.45 28.34
CA ILE B 177 -10.92 -11.55 28.79
C ILE B 177 -11.54 -10.43 29.60
N GLU B 178 -11.18 -10.35 30.88
CA GLU B 178 -11.68 -9.30 31.76
C GLU B 178 -11.08 -7.94 31.37
N VAL B 179 -11.86 -6.88 31.55
CA VAL B 179 -11.40 -5.51 31.32
C VAL B 179 -11.47 -4.69 32.61
N GLY B 180 -10.34 -4.14 33.02
CA GLY B 180 -10.30 -3.17 34.13
C GLY B 180 -10.58 -1.78 33.60
N ASP B 181 -9.69 -0.84 33.92
CA ASP B 181 -9.80 0.53 33.45
C ASP B 181 -9.72 0.62 31.93
N TYR B 182 -10.62 1.42 31.35
CA TYR B 182 -10.54 1.76 29.93
C TYR B 182 -10.84 3.23 29.71
N ARG B 183 -10.25 3.78 28.65
CA ARG B 183 -10.47 5.17 28.27
C ARG B 183 -10.90 5.28 26.81
N ALA B 184 -11.77 6.24 26.53
CA ALA B 184 -12.20 6.55 25.17
C ALA B 184 -11.86 8.00 24.85
N LEU B 185 -11.13 8.21 23.76
CA LEU B 185 -10.74 9.56 23.37
C LEU B 185 -11.84 10.30 22.64
N GLU B 186 -12.86 9.57 22.21
CA GLU B 186 -14.04 10.15 21.54
C GLU B 186 -13.66 11.02 20.33
N ILE B 187 -12.96 10.41 19.38
CA ILE B 187 -12.63 11.06 18.11
C ILE B 187 -13.29 10.26 16.98
N SER B 188 -14.41 10.76 16.47
CA SER B 188 -15.17 10.05 15.44
C SER B 188 -14.62 10.32 14.03
N ASP B 189 -13.86 11.40 13.87
CA ASP B 189 -13.21 11.70 12.60
C ASP B 189 -12.01 10.75 12.45
N ASN B 190 -12.15 9.76 11.57
CA ASN B 190 -11.16 8.69 11.51
C ASN B 190 -9.74 9.11 11.13
N LEU B 191 -9.63 10.03 10.18
CA LEU B 191 -8.32 10.55 9.82
C LEU B 191 -7.72 11.29 11.00
N ALA B 192 -8.53 12.10 11.69
CA ALA B 192 -8.12 12.78 12.93
C ALA B 192 -7.57 11.85 14.02
N VAL B 193 -8.10 10.63 14.11
CA VAL B 193 -7.58 9.64 15.06
C VAL B 193 -6.07 9.42 14.87
N ALA B 194 -5.65 9.34 13.61
CA ALA B 194 -4.24 9.14 13.26
C ALA B 194 -3.36 10.32 13.65
N ALA B 195 -3.97 11.49 13.84
CA ALA B 195 -3.25 12.70 14.24
C ALA B 195 -3.02 12.80 15.75
N HIS B 196 -3.67 11.93 16.54
CA HIS B 196 -3.44 11.89 17.99
C HIS B 196 -2.01 11.56 18.31
N ASP B 197 -1.39 12.41 19.13
CA ASP B 197 0.03 12.26 19.50
C ASP B 197 0.25 11.00 20.34
N PRO B 198 1.05 10.04 19.83
CA PRO B 198 1.34 8.81 20.58
C PRO B 198 2.01 9.09 21.92
N MET B 199 2.73 10.20 22.03
CA MET B 199 3.38 10.60 23.26
C MET B 199 2.40 11.04 24.35
N ASN B 200 1.12 11.18 23.99
CA ASN B 200 0.05 11.38 24.96
C ASN B 200 -0.29 10.10 25.70
N LEU B 201 -0.03 8.97 25.05
CA LEU B 201 -0.45 7.66 25.57
C LEU B 201 0.16 7.22 26.91
N PRO B 202 1.46 7.50 27.16
CA PRO B 202 2.00 7.16 28.49
C PRO B 202 1.29 7.92 29.62
N GLY B 203 0.97 9.18 29.38
CA GLY B 203 0.28 10.01 30.37
C GLY B 203 -1.13 9.52 30.64
N ILE B 204 -1.82 9.10 29.57
CA ILE B 204 -3.16 8.55 29.68
C ILE B 204 -3.11 7.28 30.53
N ILE B 205 -2.13 6.42 30.25
CA ILE B 205 -1.95 5.16 30.98
C ILE B 205 -1.58 5.41 32.45
N ALA B 206 -0.72 6.39 32.68
CA ALA B 206 -0.32 6.76 34.05
C ALA B 206 -1.50 7.24 34.90
N SER B 207 -2.52 7.77 34.23
CA SER B 207 -3.71 8.24 34.94
C SER B 207 -4.75 7.13 35.15
N MET B 208 -4.44 5.94 34.63
CA MET B 208 -5.31 4.76 34.78
C MET B 208 -4.75 3.78 35.81
N ARG B 209 -5.63 2.99 36.43
CA ARG B 209 -5.20 1.89 37.26
C ARG B 209 -4.72 0.73 36.38
N THR B 210 -3.48 0.30 36.60
CA THR B 210 -2.90 -0.80 35.82
C THR B 210 -2.34 -1.93 36.69
N ASP B 211 -2.40 -1.79 38.01
CA ASP B 211 -1.86 -2.81 38.93
C ASP B 211 -2.71 -4.08 39.02
N ASP B 212 -3.99 -3.97 38.68
CA ASP B 212 -4.92 -5.10 38.75
C ASP B 212 -5.14 -5.71 37.35
N VAL B 213 -4.13 -5.59 36.51
CA VAL B 213 -4.21 -5.92 35.10
C VAL B 213 -2.97 -6.74 34.70
N ASP B 214 -3.11 -7.64 33.73
CA ASP B 214 -1.99 -8.48 33.27
C ASP B 214 -1.28 -7.93 32.03
N ALA B 215 -2.02 -7.14 31.25
CA ALA B 215 -1.49 -6.54 30.02
C ALA B 215 -2.22 -5.25 29.69
N ILE B 216 -1.56 -4.37 28.95
CA ILE B 216 -2.13 -3.10 28.58
C ILE B 216 -2.34 -3.02 27.07
N VAL B 217 -3.59 -2.79 26.67
CA VAL B 217 -3.89 -2.48 25.28
C VAL B 217 -3.72 -0.96 25.12
N ILE B 218 -2.54 -0.57 24.63
CA ILE B 218 -2.20 0.86 24.47
C ILE B 218 -3.03 1.52 23.38
N SER B 219 -3.43 0.74 22.38
CA SER B 219 -4.38 1.19 21.37
C SER B 219 -5.20 0.01 20.85
N ALA B 220 -6.51 0.09 21.03
CA ALA B 220 -7.41 -0.93 20.50
C ALA B 220 -7.65 -0.72 19.01
N ALA B 221 -7.20 0.43 18.49
CA ALA B 221 -7.40 0.79 17.09
C ALA B 221 -6.09 0.84 16.34
N VAL B 222 -6.06 0.21 15.17
CA VAL B 222 -4.88 0.26 14.32
C VAL B 222 -4.65 1.70 13.88
N GLN B 223 -5.73 2.45 13.65
CA GLN B 223 -5.65 3.85 13.22
C GLN B 223 -4.94 4.80 14.20
N MET B 224 -5.05 4.54 15.50
CA MET B 224 -4.37 5.38 16.49
C MET B 224 -2.92 4.92 16.65
N PRO B 225 -1.95 5.79 16.29
CA PRO B 225 -0.54 5.37 16.38
C PRO B 225 -0.10 5.18 17.82
N SER B 226 0.75 4.19 18.06
CA SER B 226 1.20 3.87 19.42
C SER B 226 2.59 3.27 19.45
N LEU B 227 3.10 2.92 18.27
CA LEU B 227 4.35 2.17 18.15
C LEU B 227 5.49 2.76 18.97
N ASN B 228 5.71 4.07 18.81
CA ASN B 228 6.80 4.76 19.49
C ASN B 228 6.61 4.92 21.01
N ALA B 229 5.45 4.52 21.53
CA ALA B 229 5.15 4.67 22.96
C ALA B 229 5.20 3.35 23.72
N ILE B 230 5.27 2.24 22.99
CA ILE B 230 5.14 0.90 23.58
C ILE B 230 6.19 0.58 24.65
N THR B 231 7.47 0.79 24.32
CA THR B 231 8.55 0.44 25.25
C THR B 231 8.48 1.33 26.49
N MET B 232 8.17 2.61 26.28
CA MET B 232 8.05 3.57 27.37
C MET B 232 7.00 3.12 28.37
N VAL B 233 5.85 2.70 27.86
CA VAL B 233 4.74 2.25 28.70
C VAL B 233 5.09 0.93 29.39
N GLU B 234 5.78 0.04 28.68
CA GLU B 234 6.25 -1.20 29.29
C GLU B 234 7.21 -0.92 30.44
N ALA B 235 8.09 0.07 30.26
CA ALA B 235 9.03 0.48 31.32
C ALA B 235 8.32 1.11 32.50
N GLN B 236 7.34 1.98 32.23
CA GLN B 236 6.60 2.69 33.28
C GLN B 236 5.72 1.78 34.12
N THR B 237 5.11 0.78 33.47
CA THR B 237 4.10 -0.04 34.12
C THR B 237 4.59 -1.43 34.52
N ARG B 238 5.69 -1.86 33.92
CA ARG B 238 6.24 -3.21 34.11
C ARG B 238 5.22 -4.30 33.76
N LYS B 239 4.43 -4.02 32.73
CA LYS B 239 3.46 -4.99 32.22
C LYS B 239 3.53 -5.05 30.69
N PRO B 240 3.34 -6.25 30.11
CA PRO B 240 3.31 -6.40 28.65
C PRO B 240 2.29 -5.45 28.02
N VAL B 241 2.72 -4.76 26.98
CA VAL B 241 1.86 -3.82 26.26
C VAL B 241 1.68 -4.27 24.82
N ILE B 242 0.43 -4.34 24.37
CA ILE B 242 0.15 -4.61 22.96
C ILE B 242 -0.81 -3.59 22.35
N SER B 243 -0.77 -3.48 21.03
CA SER B 243 -1.71 -2.65 20.29
C SER B 243 -2.36 -3.54 19.26
N ALA B 244 -3.48 -3.08 18.69
CA ALA B 244 -4.13 -3.81 17.60
C ALA B 244 -3.18 -3.94 16.40
N ALA B 245 -2.34 -2.94 16.19
CA ALA B 245 -1.36 -2.99 15.10
C ALA B 245 -0.26 -4.05 15.31
N VAL B 246 0.31 -4.14 16.51
CA VAL B 246 1.31 -5.21 16.73
C VAL B 246 0.67 -6.59 16.78
N ALA B 247 -0.55 -6.67 17.33
CA ALA B 247 -1.32 -7.93 17.35
C ALA B 247 -1.55 -8.45 15.94
N THR B 248 -1.95 -7.54 15.05
CA THR B 248 -2.21 -7.90 13.66
C THR B 248 -0.94 -8.40 12.99
N THR B 249 0.17 -7.71 13.24
CA THR B 249 1.49 -8.10 12.70
C THR B 249 1.87 -9.48 13.23
N TRP B 250 1.69 -9.67 14.53
CA TRP B 250 1.96 -10.94 15.16
C TRP B 250 1.14 -12.06 14.55
N ALA B 251 -0.15 -11.80 14.38
CA ALA B 251 -1.10 -12.80 13.86
C ALA B 251 -0.87 -13.15 12.40
N MET B 252 -0.47 -12.15 11.60
CA MET B 252 -0.13 -12.41 10.19
C MET B 252 1.15 -13.24 10.08
N LEU B 253 2.16 -12.90 10.87
CA LEU B 253 3.40 -13.66 10.92
C LEU B 253 3.16 -15.12 11.33
N THR B 254 2.35 -15.33 12.36
CA THR B 254 2.00 -16.67 12.82
C THR B 254 1.22 -17.45 11.76
N ALA B 255 0.35 -16.76 11.01
CA ALA B 255 -0.41 -17.39 9.94
C ALA B 255 0.48 -17.90 8.80
N LEU B 256 1.68 -17.32 8.70
CA LEU B 256 2.66 -17.76 7.71
C LEU B 256 3.73 -18.65 8.31
N ASP B 257 3.51 -19.10 9.55
CA ASP B 257 4.47 -19.93 10.28
C ASP B 257 5.87 -19.31 10.29
N LEU B 258 5.92 -18.01 10.59
CA LEU B 258 7.18 -17.28 10.69
C LEU B 258 7.46 -16.87 12.13
N PRO B 259 8.74 -16.91 12.55
CA PRO B 259 9.13 -16.39 13.86
C PRO B 259 8.61 -14.97 14.04
N THR B 260 8.27 -14.61 15.28
CA THR B 260 7.61 -13.34 15.56
C THR B 260 8.46 -12.38 16.40
N ARG B 261 9.78 -12.47 16.25
CA ARG B 261 10.68 -11.52 16.89
C ARG B 261 10.80 -10.25 16.04
N VAL B 262 10.36 -9.13 16.60
CA VAL B 262 10.42 -7.85 15.92
C VAL B 262 10.89 -6.79 16.91
N PRO B 263 12.10 -6.23 16.69
CA PRO B 263 12.64 -5.20 17.59
C PRO B 263 11.72 -3.99 17.70
N GLY B 264 11.47 -3.56 18.93
CA GLY B 264 10.66 -2.37 19.20
C GLY B 264 9.16 -2.60 19.16
N GLY B 265 8.74 -3.86 19.07
CA GLY B 265 7.33 -4.21 18.97
C GLY B 265 6.69 -4.63 20.28
N GLY B 266 7.44 -4.52 21.38
CA GLY B 266 6.94 -4.86 22.70
C GLY B 266 6.92 -6.36 22.96
N THR B 267 6.29 -6.75 24.07
CA THR B 267 6.31 -8.14 24.56
C THR B 267 5.82 -9.18 23.55
N LEU B 268 4.70 -8.91 22.89
CA LEU B 268 4.11 -9.88 21.96
C LEU B 268 5.09 -10.26 20.86
N LEU B 269 5.90 -9.29 20.44
CA LEU B 269 6.90 -9.51 19.40
C LEU B 269 8.31 -9.69 19.95
N SER B 270 8.41 -10.23 21.16
CA SER B 270 9.69 -10.51 21.85
C SER B 270 10.52 -11.59 21.17
N GLY B 271 9.83 -12.47 20.45
CA GLY B 271 10.41 -13.71 19.97
C GLY B 271 9.87 -14.82 20.85
N ALA B 272 9.62 -14.49 22.11
CA ALA B 272 9.08 -15.41 23.10
C ALA B 272 7.63 -15.82 22.79
N TYR B 273 6.86 -14.89 22.20
CA TYR B 273 5.48 -15.06 21.75
C TYR B 273 4.48 -14.23 22.56
C1 MAE C . -0.07 -3.12 -15.39
O1 MAE C . -0.30 -3.78 -14.36
O2 MAE C . 1.00 -3.13 -16.00
C2 MAE C . -1.17 -2.29 -15.91
C3 MAE C . -1.02 -1.31 -16.79
C4 MAE C . 0.27 -0.87 -17.37
O3 MAE C . 0.46 -1.06 -18.56
O4 MAE C . 1.11 -0.29 -16.67
C1 MAE D . -11.18 1.27 13.74
O1 MAE D . -11.21 0.17 14.28
O2 MAE D . -10.51 2.17 14.24
C2 MAE D . -11.93 1.53 12.50
C3 MAE D . -11.33 1.93 11.38
C4 MAE D . -9.87 2.07 11.26
O3 MAE D . -9.14 1.30 11.90
O4 MAE D . -9.40 2.94 10.53
#